data_4Q9V
#
_entry.id   4Q9V
#
_cell.length_a   61.729
_cell.length_b   87.296
_cell.length_c   242.309
_cell.angle_alpha   90.00
_cell.angle_beta   90.00
_cell.angle_gamma   90.00
#
_symmetry.space_group_name_H-M   'I 2 2 2'
#
loop_
_entity.id
_entity.type
_entity.pdbx_description
1 polymer 'Tumor necrosis factor alpha-induced protein 8-like protein 3'
2 non-polymer 'CHLORIDE ION'
3 non-polymer 'SULFATE ION'
4 water water
#
_entity_poly.entity_id   1
_entity_poly.type   'polypeptide(L)'
_entity_poly.pdbx_seq_one_letter_code
;AMVFSSKSLALQAQKKILSKIASKTVANMLIDDTSSEIFDELYKVTKEHTHNKKEAHKIMKDLIKVAIKIGILYRNNQFS
QEELVIVEKFRKKLNQTAMTIVSFYEVEYTFDRNVLSNLLHECKDLVHELVQRHLTPRTHGRINHVFNHFADVEFLSTLY
SLDGDCRPNLKRICEGINKLLDEKVL
;
_entity_poly.pdbx_strand_id   A,B
#
# COMPACT_ATOMS: atom_id res chain seq x y z
N PHE A 4 -20.46 -12.80 -15.78
CA PHE A 4 -19.10 -12.28 -15.77
C PHE A 4 -19.10 -10.76 -15.78
N SER A 5 -18.40 -10.16 -14.82
CA SER A 5 -18.34 -8.71 -14.71
C SER A 5 -16.94 -8.24 -14.32
N SER A 6 -16.12 -7.95 -15.33
CA SER A 6 -14.77 -7.46 -15.09
C SER A 6 -14.75 -6.39 -14.01
N LYS A 7 -15.79 -5.56 -13.99
CA LYS A 7 -15.90 -4.49 -13.00
C LYS A 7 -15.94 -5.07 -11.60
N SER A 8 -16.54 -6.24 -11.45
CA SER A 8 -16.66 -6.90 -10.16
C SER A 8 -15.33 -7.53 -9.74
N LEU A 9 -14.66 -8.17 -10.70
CA LEU A 9 -13.37 -8.79 -10.43
C LEU A 9 -12.31 -7.73 -10.12
N ALA A 10 -12.44 -6.58 -10.78
CA ALA A 10 -11.50 -5.48 -10.58
C ALA A 10 -11.72 -4.81 -9.23
N LEU A 11 -12.98 -4.67 -8.85
CA LEU A 11 -13.34 -4.16 -7.53
C LEU A 11 -12.70 -5.01 -6.44
N GLN A 12 -13.05 -6.30 -6.46
CA GLN A 12 -12.45 -7.31 -5.60
C GLN A 12 -10.94 -7.21 -5.52
N ALA A 13 -10.29 -7.37 -6.68
CA ALA A 13 -8.83 -7.39 -6.75
C ALA A 13 -8.19 -6.13 -6.16
N GLN A 14 -8.75 -4.97 -6.47
CA GLN A 14 -8.21 -3.71 -5.95
C GLN A 14 -8.36 -3.60 -4.44
N LYS A 15 -9.55 -3.96 -3.96
CA LYS A 15 -9.81 -3.97 -2.52
C LYS A 15 -8.80 -4.86 -1.82
N LYS A 16 -8.64 -6.07 -2.34
CA LYS A 16 -7.76 -7.09 -1.79
C LYS A 16 -6.31 -6.66 -1.72
N ILE A 17 -5.77 -6.16 -2.82
CA ILE A 17 -4.36 -5.75 -2.81
C ILE A 17 -4.17 -4.58 -1.85
N LEU A 18 -5.11 -3.64 -1.90
CA LEU A 18 -5.00 -2.48 -1.02
C LEU A 18 -5.03 -2.90 0.47
N SER A 19 -5.90 -3.86 0.77
CA SER A 19 -6.15 -4.34 2.12
C SER A 19 -4.96 -5.12 2.65
N LYS A 20 -4.45 -6.00 1.80
CA LYS A 20 -3.25 -6.76 2.10
C LYS A 20 -2.10 -5.81 2.45
N ILE A 21 -1.90 -4.80 1.60
CA ILE A 21 -0.89 -3.78 1.93
C ILE A 21 -1.14 -3.14 3.29
N ALA A 22 -2.37 -2.72 3.54
CA ALA A 22 -2.70 -2.04 4.81
C ALA A 22 -2.38 -2.89 6.07
N SER A 23 -2.83 -4.14 6.02
CA SER A 23 -2.69 -5.04 7.15
C SER A 23 -1.24 -5.46 7.34
N LYS A 24 -0.49 -5.61 6.24
CA LYS A 24 0.94 -5.86 6.44
C LYS A 24 1.62 -4.66 7.09
N THR A 25 1.25 -3.46 6.68
CA THR A 25 1.79 -2.27 7.38
C THR A 25 1.50 -2.31 8.88
N VAL A 26 0.24 -2.58 9.22
CA VAL A 26 -0.12 -2.69 10.64
C VAL A 26 0.69 -3.78 11.35
N ALA A 27 0.88 -4.91 10.69
CA ALA A 27 1.56 -6.05 11.33
C ALA A 27 3.02 -5.77 11.57
N ASN A 28 3.71 -5.21 10.57
N ASN A 28 3.70 -5.21 10.58
CA ASN A 28 5.11 -4.83 10.71
CA ASN A 28 5.10 -4.86 10.74
C ASN A 28 5.29 -3.79 11.80
C ASN A 28 5.28 -3.80 11.81
N MET A 29 4.37 -2.83 11.89
CA MET A 29 4.48 -1.80 12.91
C MET A 29 4.19 -2.25 14.35
N LEU A 30 3.01 -2.83 14.57
CA LEU A 30 2.53 -3.05 15.93
C LEU A 30 2.34 -4.51 16.33
N ILE A 31 1.89 -5.33 15.39
CA ILE A 31 1.62 -6.73 15.69
C ILE A 31 2.88 -7.47 16.11
N ASP A 32 4.04 -6.96 15.71
CA ASP A 32 5.31 -7.53 16.11
C ASP A 32 5.30 -7.79 17.61
N ASP A 33 5.91 -8.91 18.02
CA ASP A 33 5.91 -9.31 19.42
C ASP A 33 6.66 -8.34 20.32
N THR A 34 7.89 -8.01 19.94
CA THR A 34 8.72 -7.10 20.72
C THR A 34 8.09 -5.72 20.84
N SER A 35 7.52 -5.24 19.75
CA SER A 35 6.92 -3.92 19.71
C SER A 35 5.65 -3.84 20.54
N SER A 36 4.77 -4.81 20.37
CA SER A 36 3.51 -4.84 21.10
C SER A 36 3.75 -4.97 22.61
N GLU A 37 4.82 -5.66 22.98
CA GLU A 37 5.16 -5.82 24.39
C GLU A 37 5.64 -4.50 24.99
N ILE A 38 6.38 -3.73 24.20
CA ILE A 38 6.85 -2.43 24.64
C ILE A 38 5.67 -1.50 24.90
N PHE A 39 4.74 -1.46 23.94
CA PHE A 39 3.56 -0.62 24.07
C PHE A 39 2.69 -1.07 25.24
N ASP A 40 2.63 -2.38 25.47
CA ASP A 40 1.87 -2.92 26.59
C ASP A 40 2.47 -2.47 27.90
N GLU A 41 3.79 -2.56 28.02
CA GLU A 41 4.50 -2.00 29.18
C GLU A 41 4.27 -0.49 29.36
N LEU A 42 4.25 0.25 28.25
CA LEU A 42 4.07 1.70 28.34
C LEU A 42 2.71 1.96 28.93
N TYR A 43 1.74 1.16 28.52
CA TYR A 43 0.40 1.24 29.08
C TYR A 43 0.48 1.04 30.57
N LYS A 44 1.16 -0.04 30.98
CA LYS A 44 1.17 -0.39 32.41
C LYS A 44 1.76 0.75 33.24
N VAL A 45 2.86 1.33 32.75
CA VAL A 45 3.49 2.44 33.45
C VAL A 45 2.63 3.71 33.47
N THR A 46 1.92 4.01 32.38
CA THR A 46 1.05 5.20 32.43
C THR A 46 -0.18 5.01 33.32
N LYS A 47 -0.64 3.78 33.43
CA LYS A 47 -1.73 3.47 34.32
C LYS A 47 -1.24 3.62 35.77
N GLU A 48 -0.06 3.06 36.05
CA GLU A 48 0.52 3.17 37.39
C GLU A 48 0.89 4.61 37.73
N HIS A 49 0.99 5.47 36.73
CA HIS A 49 1.32 6.87 37.01
C HIS A 49 0.08 7.74 37.17
N THR A 50 -0.95 7.46 36.39
CA THR A 50 -2.16 8.27 36.41
C THR A 50 -3.26 7.74 37.34
N HIS A 51 -3.20 6.43 37.61
CA HIS A 51 -4.31 5.72 38.25
C HIS A 51 -5.65 5.93 37.57
N ASN A 52 -5.60 6.26 36.27
CA ASN A 52 -6.79 6.31 35.45
C ASN A 52 -6.63 5.39 34.25
N LYS A 53 -7.09 4.15 34.43
CA LYS A 53 -7.14 3.11 33.42
C LYS A 53 -7.58 3.66 32.07
N LYS A 54 -8.75 4.29 32.06
CA LYS A 54 -9.33 4.84 30.86
C LYS A 54 -8.41 5.85 30.16
N GLU A 55 -7.73 6.69 30.93
CA GLU A 55 -6.89 7.72 30.34
C GLU A 55 -5.64 7.09 29.73
N ALA A 56 -5.09 6.09 30.42
CA ALA A 56 -4.00 5.28 29.89
C ALA A 56 -4.41 4.71 28.54
N HIS A 57 -5.61 4.13 28.50
CA HIS A 57 -6.12 3.51 27.30
C HIS A 57 -6.19 4.53 26.19
N LYS A 58 -6.70 5.73 26.49
CA LYS A 58 -6.78 6.82 25.52
C LYS A 58 -5.40 7.27 24.94
N ILE A 59 -4.44 7.45 25.82
CA ILE A 59 -3.07 7.75 25.46
C ILE A 59 -2.53 6.68 24.50
N MET A 60 -2.58 5.41 24.90
CA MET A 60 -2.06 4.33 24.03
C MET A 60 -2.80 4.26 22.69
N LYS A 61 -4.11 4.48 22.73
CA LYS A 61 -4.90 4.48 21.53
C LYS A 61 -4.48 5.59 20.57
N ASP A 62 -4.26 6.81 21.06
CA ASP A 62 -3.75 7.88 20.18
C ASP A 62 -2.35 7.52 19.64
N LEU A 63 -1.50 6.97 20.50
CA LEU A 63 -0.16 6.58 20.10
C LEU A 63 -0.22 5.63 18.92
N ILE A 64 -1.06 4.61 19.06
CA ILE A 64 -1.22 3.59 18.03
C ILE A 64 -1.86 4.13 16.78
N LYS A 65 -2.86 4.99 16.92
CA LYS A 65 -3.47 5.60 15.73
C LYS A 65 -2.44 6.43 14.92
N VAL A 66 -1.66 7.26 15.61
CA VAL A 66 -0.68 8.11 14.92
C VAL A 66 0.45 7.27 14.30
N ALA A 67 0.87 6.24 15.04
CA ALA A 67 1.96 5.36 14.60
C ALA A 67 1.53 4.70 13.32
N ILE A 68 0.30 4.20 13.31
CA ILE A 68 -0.21 3.49 12.14
C ILE A 68 -0.40 4.45 10.95
N LYS A 69 -0.97 5.61 11.21
CA LYS A 69 -1.15 6.63 10.16
C LYS A 69 0.18 6.96 9.45
N ILE A 70 1.21 7.16 10.26
CA ILE A 70 2.54 7.40 9.71
C ILE A 70 3.08 6.16 8.96
N GLY A 71 2.91 4.97 9.53
CA GLY A 71 3.35 3.75 8.85
C GLY A 71 2.73 3.66 7.46
N ILE A 72 1.45 4.01 7.35
CA ILE A 72 0.75 3.91 6.08
C ILE A 72 1.20 4.98 5.10
N LEU A 73 1.36 6.23 5.59
CA LEU A 73 1.92 7.28 4.73
C LEU A 73 3.28 6.82 4.19
N TYR A 74 4.07 6.19 5.05
CA TYR A 74 5.39 5.73 4.65
C TYR A 74 5.34 4.62 3.59
N ARG A 75 4.63 3.53 3.85
CA ARG A 75 4.65 2.41 2.91
C ARG A 75 4.05 2.81 1.59
N ASN A 76 3.06 3.70 1.61
CA ASN A 76 2.38 4.06 0.38
C ASN A 76 3.08 5.18 -0.39
N ASN A 77 4.28 5.56 0.07
CA ASN A 77 5.03 6.67 -0.52
C ASN A 77 4.23 7.94 -0.63
N GLN A 78 3.54 8.30 0.45
CA GLN A 78 2.72 9.49 0.48
C GLN A 78 3.51 10.71 0.94
N PHE A 79 4.76 10.51 1.31
CA PHE A 79 5.58 11.61 1.81
C PHE A 79 6.37 12.29 0.66
N SER A 80 6.32 13.63 0.62
CA SER A 80 7.11 14.40 -0.36
C SER A 80 8.58 14.32 0.00
N GLN A 81 9.44 14.86 -0.85
CA GLN A 81 10.89 14.91 -0.61
C GLN A 81 11.30 15.55 0.73
N GLU A 82 10.82 16.77 0.98
CA GLU A 82 11.07 17.44 2.27
C GLU A 82 10.58 16.56 3.41
N GLU A 83 9.39 15.98 3.22
CA GLU A 83 8.81 15.09 4.22
C GLU A 83 9.72 13.89 4.49
N LEU A 84 10.29 13.32 3.44
CA LEU A 84 11.26 12.24 3.60
C LEU A 84 12.53 12.70 4.40
N VAL A 85 12.98 13.93 4.14
CA VAL A 85 14.06 14.50 4.99
C VAL A 85 13.63 14.47 6.49
N ILE A 86 12.42 14.94 6.73
CA ILE A 86 11.89 14.92 8.08
C ILE A 86 11.75 13.49 8.69
N VAL A 87 11.31 12.51 7.90
CA VAL A 87 11.28 11.11 8.37
C VAL A 87 12.65 10.65 8.82
N GLU A 88 13.67 10.89 7.99
CA GLU A 88 15.02 10.48 8.39
C GLU A 88 15.47 11.15 9.71
N LYS A 89 15.20 12.44 9.82
CA LYS A 89 15.49 13.17 11.05
C LYS A 89 14.74 12.58 12.25
N PHE A 90 13.50 12.15 12.02
CA PHE A 90 12.67 11.57 13.08
C PHE A 90 13.24 10.23 13.49
N ARG A 91 13.63 9.39 12.54
CA ARG A 91 14.21 8.10 12.90
C ARG A 91 15.49 8.30 13.70
N LYS A 92 16.28 9.32 13.35
CA LYS A 92 17.51 9.54 14.12
C LYS A 92 17.21 10.04 15.53
N LYS A 93 16.25 10.95 15.65
CA LYS A 93 15.88 11.46 16.95
C LYS A 93 15.24 10.37 17.80
N LEU A 94 14.37 9.57 17.21
CA LEU A 94 13.74 8.44 17.92
C LEU A 94 14.79 7.41 18.32
N ASN A 95 15.75 7.15 17.45
CA ASN A 95 16.85 6.24 17.82
C ASN A 95 17.62 6.78 19.02
N GLN A 96 17.90 8.08 18.98
CA GLN A 96 18.66 8.72 20.05
C GLN A 96 17.88 8.64 21.36
N THR A 97 16.57 8.89 21.29
CA THR A 97 15.82 8.78 22.54
C THR A 97 15.69 7.33 23.02
N ALA A 98 15.56 6.36 22.12
CA ALA A 98 15.61 4.93 22.55
C ALA A 98 16.90 4.64 23.29
N MET A 99 18.02 5.09 22.72
CA MET A 99 19.30 4.77 23.35
C MET A 99 19.40 5.42 24.71
N THR A 100 18.81 6.61 24.82
CA THR A 100 18.89 7.31 26.11
C THR A 100 18.00 6.63 27.17
N ILE A 101 16.80 6.24 26.78
CA ILE A 101 15.97 5.43 27.66
C ILE A 101 16.78 4.22 28.19
N VAL A 102 17.43 3.52 27.28
CA VAL A 102 18.21 2.36 27.74
C VAL A 102 19.41 2.70 28.65
N SER A 103 20.16 3.75 28.29
CA SER A 103 21.33 4.13 29.08
C SER A 103 20.95 4.60 30.48
N PHE A 104 19.90 5.42 30.54
CA PHE A 104 19.43 5.96 31.81
C PHE A 104 19.02 4.84 32.76
N TYR A 105 18.59 3.71 32.21
CA TYR A 105 18.21 2.57 33.03
C TYR A 105 19.44 1.73 33.37
N GLU A 106 20.14 1.28 32.35
CA GLU A 106 21.32 0.45 32.54
C GLU A 106 22.29 1.07 33.55
N VAL A 107 22.41 2.39 33.50
CA VAL A 107 23.26 3.12 34.42
C VAL A 107 22.43 4.06 35.29
N GLU A 108 21.96 3.53 36.41
CA GLU A 108 21.03 4.24 37.29
C GLU A 108 21.36 5.71 37.50
N TYR A 109 22.54 5.99 38.04
CA TYR A 109 22.92 7.35 38.45
C TYR A 109 22.93 8.38 37.32
N THR A 110 22.82 7.93 36.08
CA THR A 110 22.86 8.85 34.95
C THR A 110 21.48 9.20 34.41
N PHE A 111 20.48 9.25 35.29
CA PHE A 111 19.12 9.47 34.83
C PHE A 111 18.70 10.93 35.01
N ASP A 112 18.50 11.62 33.89
CA ASP A 112 18.11 13.02 33.91
C ASP A 112 16.75 13.22 33.24
N ARG A 113 15.71 13.36 34.06
CA ARG A 113 14.35 13.50 33.55
C ARG A 113 14.16 14.68 32.58
N ASN A 114 15.04 15.68 32.65
CA ASN A 114 14.90 16.82 31.76
C ASN A 114 15.48 16.54 30.40
N VAL A 115 16.60 15.82 30.38
CA VAL A 115 17.21 15.37 29.14
C VAL A 115 16.23 14.48 28.37
N LEU A 116 15.69 13.46 29.04
CA LEU A 116 14.76 12.54 28.39
C LEU A 116 13.52 13.30 27.94
N SER A 117 13.02 14.17 28.81
CA SER A 117 11.86 14.99 28.44
C SER A 117 12.09 15.83 27.17
N ASN A 118 13.24 16.47 27.12
CA ASN A 118 13.56 17.32 25.98
C ASN A 118 13.72 16.50 24.69
N LEU A 119 14.34 15.33 24.82
CA LEU A 119 14.42 14.39 23.68
C LEU A 119 13.00 14.03 23.17
N LEU A 120 12.09 13.76 24.12
CA LEU A 120 10.69 13.46 23.77
C LEU A 120 9.93 14.60 23.09
N HIS A 121 10.14 15.82 23.56
CA HIS A 121 9.57 16.97 22.88
C HIS A 121 10.17 17.16 21.47
N GLU A 122 11.46 16.93 21.32
CA GLU A 122 12.07 16.93 19.99
C GLU A 122 11.36 15.92 19.05
N CYS A 123 11.16 14.70 19.55
CA CYS A 123 10.38 13.69 18.78
C CYS A 123 9.01 14.23 18.41
N LYS A 124 8.33 14.84 19.36
CA LYS A 124 7.00 15.40 19.09
C LYS A 124 7.03 16.43 17.97
N ASP A 125 7.99 17.36 18.04
CA ASP A 125 8.12 18.40 17.02
C ASP A 125 8.35 17.79 15.66
N LEU A 126 9.23 16.79 15.59
CA LEU A 126 9.45 16.10 14.31
C LEU A 126 8.18 15.38 13.81
N VAL A 127 7.43 14.71 14.69
CA VAL A 127 6.17 14.07 14.25
C VAL A 127 5.18 15.10 13.67
N HIS A 128 5.04 16.22 14.38
CA HIS A 128 4.14 17.29 13.91
C HIS A 128 4.56 17.80 12.55
N GLU A 129 5.87 18.05 12.41
CA GLU A 129 6.46 18.58 11.17
C GLU A 129 6.16 17.59 10.06
N LEU A 130 6.32 16.32 10.40
CA LEU A 130 6.16 15.20 9.47
C LEU A 130 4.71 15.02 8.94
N VAL A 131 3.70 15.20 9.80
CA VAL A 131 2.34 14.98 9.30
C VAL A 131 1.54 16.25 9.08
N GLN A 132 2.20 17.40 9.22
CA GLN A 132 1.50 18.69 9.10
C GLN A 132 0.67 18.86 7.82
N ARG A 133 1.02 18.16 6.75
CA ARG A 133 0.25 18.23 5.50
C ARG A 133 -0.61 17.00 5.26
N HIS A 134 -0.80 16.17 6.28
CA HIS A 134 -1.59 14.96 6.11
C HIS A 134 -2.52 14.78 7.29
N LEU A 135 -2.90 15.90 7.90
CA LEU A 135 -3.72 15.87 9.11
C LEU A 135 -5.15 15.43 8.80
N THR A 136 -5.74 14.69 9.73
CA THR A 136 -7.19 14.58 9.86
C THR A 136 -7.49 15.57 10.95
N PRO A 137 -8.76 15.86 11.21
CA PRO A 137 -9.11 16.86 12.21
C PRO A 137 -8.76 16.49 13.66
N ARG A 138 -8.04 15.39 13.88
CA ARG A 138 -7.74 14.99 15.23
C ARG A 138 -6.31 14.62 15.47
N THR A 139 -5.55 14.37 14.39
CA THR A 139 -4.17 13.92 14.49
C THR A 139 -3.32 14.82 15.38
N HIS A 140 -3.39 16.11 15.13
CA HIS A 140 -2.60 17.11 15.83
C HIS A 140 -2.70 16.96 17.36
N GLY A 141 -3.94 16.93 17.85
CA GLY A 141 -4.15 16.80 19.28
C GLY A 141 -3.73 15.46 19.80
N ARG A 142 -3.86 14.42 18.98
CA ARG A 142 -3.39 13.08 19.43
C ARG A 142 -1.88 13.09 19.67
N ILE A 143 -1.14 13.61 18.69
CA ILE A 143 0.29 13.80 18.88
C ILE A 143 0.57 14.52 20.19
N ASN A 144 -0.12 15.65 20.40
CA ASN A 144 0.13 16.38 21.65
C ASN A 144 -0.17 15.60 22.93
N HIS A 145 -1.33 14.95 22.99
CA HIS A 145 -1.71 14.12 24.12
C HIS A 145 -0.62 13.08 24.43
N VAL A 146 -0.20 12.37 23.40
CA VAL A 146 0.79 11.31 23.64
C VAL A 146 2.09 11.87 24.18
N PHE A 147 2.63 12.83 23.46
CA PHE A 147 3.97 13.26 23.80
C PHE A 147 4.03 14.09 25.06
N ASN A 148 3.01 14.93 25.31
CA ASN A 148 2.95 15.65 26.57
C ASN A 148 2.80 14.68 27.71
N HIS A 149 2.09 13.56 27.49
CA HIS A 149 2.10 12.57 28.55
C HIS A 149 3.47 11.92 28.79
N PHE A 150 4.18 11.52 27.73
CA PHE A 150 5.42 10.74 27.97
C PHE A 150 6.66 11.56 28.29
N ALA A 151 6.64 12.81 27.82
CA ALA A 151 7.69 13.78 28.11
C ALA A 151 7.56 14.38 29.51
N ASP A 152 6.41 14.18 30.14
CA ASP A 152 6.15 14.77 31.46
C ASP A 152 7.16 14.28 32.48
N VAL A 153 7.86 15.23 33.12
CA VAL A 153 8.95 14.88 34.04
C VAL A 153 8.47 14.03 35.20
N GLU A 154 7.23 14.26 35.66
CA GLU A 154 6.69 13.46 36.75
C GLU A 154 6.48 12.02 36.31
N PHE A 155 5.96 11.89 35.09
CA PHE A 155 5.80 10.56 34.53
C PHE A 155 7.14 9.84 34.52
N LEU A 156 8.16 10.50 33.95
CA LEU A 156 9.49 9.89 33.85
C LEU A 156 10.05 9.54 35.22
N SER A 157 9.76 10.36 36.21
CA SER A 157 10.21 10.07 37.57
C SER A 157 9.51 8.82 38.11
N THR A 158 8.21 8.69 37.89
CA THR A 158 7.49 7.49 38.30
C THR A 158 8.08 6.27 37.59
N LEU A 159 8.50 6.47 36.34
CA LEU A 159 8.98 5.38 35.51
C LEU A 159 10.33 4.91 35.97
N TYR A 160 11.18 5.86 36.37
CA TYR A 160 12.56 5.54 36.70
C TYR A 160 12.83 5.43 38.20
N SER A 161 11.87 5.85 39.00
CA SER A 161 12.01 5.78 40.45
C SER A 161 12.47 4.40 40.87
N LEU A 162 13.60 4.34 41.59
CA LEU A 162 14.15 3.07 42.05
C LEU A 162 13.34 2.51 43.21
N ASP A 163 12.53 3.36 43.82
CA ASP A 163 11.70 2.95 44.95
C ASP A 163 10.24 2.77 44.52
N GLY A 164 9.98 2.96 43.23
CA GLY A 164 8.63 2.80 42.71
C GLY A 164 8.35 1.36 42.30
N ASP A 165 7.22 1.15 41.65
CA ASP A 165 6.83 -0.19 41.23
C ASP A 165 6.77 -0.33 39.72
N CYS A 166 7.55 0.49 39.01
CA CYS A 166 7.57 0.48 37.56
C CYS A 166 8.88 -0.03 37.02
N ARG A 167 9.78 -0.37 37.94
CA ARG A 167 11.11 -0.83 37.60
C ARG A 167 11.12 -2.08 36.72
N PRO A 168 10.36 -3.11 37.09
CA PRO A 168 10.33 -4.29 36.22
C PRO A 168 9.79 -3.97 34.82
N ASN A 169 8.77 -3.13 34.75
CA ASN A 169 8.28 -2.63 33.47
C ASN A 169 9.42 -1.98 32.71
N LEU A 170 10.08 -0.98 33.30
CA LEU A 170 11.19 -0.28 32.65
C LEU A 170 12.24 -1.25 32.11
N LYS A 171 12.66 -2.18 32.96
CA LYS A 171 13.60 -3.22 32.55
C LYS A 171 13.13 -3.98 31.31
N ARG A 172 11.85 -4.35 31.27
CA ARG A 172 11.30 -5.02 30.10
C ARG A 172 11.29 -4.10 28.87
N ILE A 173 10.76 -2.90 29.02
CA ILE A 173 10.78 -1.87 27.99
C ILE A 173 12.17 -1.74 27.35
N CYS A 174 13.20 -1.67 28.19
CA CYS A 174 14.58 -1.55 27.73
C CYS A 174 15.10 -2.80 27.04
N GLU A 175 14.74 -3.97 27.59
CA GLU A 175 14.97 -5.22 26.84
C GLU A 175 14.40 -5.20 25.41
N GLY A 176 13.12 -4.81 25.29
CA GLY A 176 12.49 -4.71 23.99
C GLY A 176 13.24 -3.74 23.10
N ILE A 177 13.54 -2.56 23.66
CA ILE A 177 14.20 -1.50 22.90
C ILE A 177 15.54 -1.97 22.38
N ASN A 178 16.28 -2.66 23.22
CA ASN A 178 17.58 -3.24 22.83
C ASN A 178 17.43 -4.22 21.69
N LYS A 179 16.43 -5.11 21.81
CA LYS A 179 16.05 -5.94 20.68
C LYS A 179 15.83 -5.16 19.38
N LEU A 180 15.05 -4.07 19.43
CA LEU A 180 14.74 -3.38 18.16
C LEU A 180 15.96 -2.62 17.64
N LEU A 181 16.85 -2.25 18.55
CA LEU A 181 18.07 -1.55 18.17
C LEU A 181 18.91 -2.55 17.40
N ASP A 182 19.10 -3.73 17.96
N ASP A 182 19.08 -3.73 17.98
CA ASP A 182 19.95 -4.74 17.30
CA ASP A 182 19.91 -4.76 17.37
C ASP A 182 19.37 -5.26 15.99
C ASP A 182 19.36 -5.22 16.01
N GLU A 183 18.04 -5.23 15.89
CA GLU A 183 17.42 -5.59 14.62
C GLU A 183 17.40 -4.42 13.65
N LYS A 184 17.90 -3.28 14.12
CA LYS A 184 17.90 -2.04 13.32
C LYS A 184 16.52 -1.61 12.90
N VAL A 185 15.52 -1.99 13.72
CA VAL A 185 14.16 -1.46 13.57
C VAL A 185 14.15 -0.03 14.08
N LEU A 186 14.82 0.16 15.22
CA LEU A 186 14.89 1.44 15.89
C LEU A 186 16.31 1.94 15.75
N ALA B 1 -12.07 -9.41 32.50
CA ALA B 1 -11.00 -10.39 32.56
C ALA B 1 -9.89 -10.05 31.56
N MET B 2 -10.27 -9.82 30.31
CA MET B 2 -9.31 -9.47 29.27
C MET B 2 -8.56 -8.19 29.63
N VAL B 3 -7.23 -8.28 29.59
CA VAL B 3 -6.38 -7.14 29.95
C VAL B 3 -6.11 -6.26 28.74
N PHE B 4 -5.43 -5.15 28.98
CA PHE B 4 -5.04 -4.25 27.91
C PHE B 4 -4.13 -4.95 26.92
N SER B 5 -4.40 -4.72 25.63
CA SER B 5 -3.53 -5.24 24.59
C SER B 5 -3.39 -4.25 23.42
N SER B 6 -2.15 -3.89 23.12
CA SER B 6 -1.87 -2.95 22.04
C SER B 6 -2.23 -3.59 20.69
N LYS B 7 -2.03 -4.89 20.60
CA LYS B 7 -2.39 -5.65 19.42
C LYS B 7 -3.86 -5.46 19.11
N SER B 8 -4.67 -5.53 20.17
CA SER B 8 -6.12 -5.36 20.04
C SER B 8 -6.46 -4.00 19.47
N LEU B 9 -5.84 -2.96 20.01
CA LEU B 9 -6.07 -1.59 19.54
C LEU B 9 -5.69 -1.46 18.06
N ALA B 10 -4.53 -2.01 17.72
CA ALA B 10 -4.05 -2.00 16.34
C ALA B 10 -5.04 -2.67 15.38
N LEU B 11 -5.54 -3.85 15.78
CA LEU B 11 -6.50 -4.59 14.95
C LEU B 11 -7.85 -3.86 14.84
N GLN B 12 -8.24 -3.21 15.93
CA GLN B 12 -9.44 -2.37 15.93
C GLN B 12 -9.30 -1.23 14.91
N ALA B 13 -8.15 -0.57 14.91
CA ALA B 13 -7.89 0.54 13.94
C ALA B 13 -7.87 0.03 12.49
N GLN B 14 -7.24 -1.14 12.32
CA GLN B 14 -7.19 -1.82 11.03
C GLN B 14 -8.59 -2.12 10.47
N LYS B 15 -9.53 -2.44 11.34
CA LYS B 15 -10.92 -2.64 10.89
C LYS B 15 -11.47 -1.41 10.13
N LYS B 16 -11.38 -0.25 10.79
CA LYS B 16 -11.79 1.00 10.17
C LYS B 16 -10.99 1.28 8.90
N ILE B 17 -9.68 1.07 8.96
CA ILE B 17 -8.81 1.26 7.77
C ILE B 17 -9.27 0.45 6.57
N LEU B 18 -9.67 -0.79 6.83
CA LEU B 18 -10.11 -1.69 5.77
C LEU B 18 -11.49 -1.27 5.24
N SER B 19 -12.36 -0.78 6.13
CA SER B 19 -13.64 -0.27 5.61
C SER B 19 -13.42 0.96 4.69
N LYS B 20 -12.66 1.92 5.18
CA LYS B 20 -12.32 3.10 4.38
C LYS B 20 -11.76 2.72 3.02
N ILE B 21 -10.89 1.71 3.01
CA ILE B 21 -10.30 1.24 1.76
C ILE B 21 -11.40 0.73 0.82
N ALA B 22 -12.32 -0.07 1.35
CA ALA B 22 -13.43 -0.56 0.57
C ALA B 22 -14.16 0.60 -0.08
N SER B 23 -14.41 1.65 0.70
CA SER B 23 -15.09 2.84 0.20
C SER B 23 -14.28 3.49 -0.93
N LYS B 24 -13.12 4.03 -0.57
CA LYS B 24 -12.26 4.70 -1.54
C LYS B 24 -12.14 3.91 -2.84
N THR B 25 -12.01 2.59 -2.72
CA THR B 25 -11.88 1.74 -3.89
C THR B 25 -13.13 1.80 -4.75
N VAL B 26 -14.29 1.71 -4.12
CA VAL B 26 -15.56 1.82 -4.86
C VAL B 26 -15.69 3.19 -5.56
N ALA B 27 -15.19 4.25 -4.91
CA ALA B 27 -15.30 5.60 -5.50
C ALA B 27 -14.18 6.01 -6.46
N ASN B 28 -13.08 5.23 -6.49
CA ASN B 28 -11.95 5.56 -7.37
C ASN B 28 -11.33 4.30 -7.95
N MET B 29 -12.07 3.62 -8.81
CA MET B 29 -11.55 2.41 -9.43
C MET B 29 -10.43 2.71 -10.42
N LEU B 30 -9.36 1.92 -10.35
CA LEU B 30 -8.30 1.95 -11.35
C LEU B 30 -8.82 1.60 -12.74
N ILE B 31 -9.90 0.84 -12.79
CA ILE B 31 -10.47 0.41 -14.05
C ILE B 31 -11.83 1.05 -14.31
N ASP B 32 -11.95 1.71 -15.46
CA ASP B 32 -13.17 2.42 -15.84
C ASP B 32 -14.30 1.47 -16.19
N ASP B 33 -15.52 1.98 -16.11
CA ASP B 33 -16.68 1.22 -16.55
C ASP B 33 -16.51 0.91 -18.04
N THR B 34 -15.91 1.85 -18.76
CA THR B 34 -15.64 1.66 -20.18
C THR B 34 -14.55 0.61 -20.37
N SER B 35 -13.48 0.73 -19.60
CA SER B 35 -12.37 -0.22 -19.67
C SER B 35 -12.85 -1.62 -19.30
N SER B 36 -13.75 -1.68 -18.32
CA SER B 36 -14.32 -2.96 -17.90
C SER B 36 -15.16 -3.55 -19.02
N GLU B 37 -15.98 -2.70 -19.65
CA GLU B 37 -16.82 -3.14 -20.75
C GLU B 37 -15.97 -3.78 -21.83
N ILE B 38 -14.90 -3.12 -22.22
CA ILE B 38 -13.96 -3.68 -23.20
C ILE B 38 -13.47 -5.03 -22.69
N PHE B 39 -13.13 -5.10 -21.40
CA PHE B 39 -12.72 -6.37 -20.80
C PHE B 39 -13.78 -7.49 -20.91
N ASP B 40 -15.05 -7.17 -20.66
CA ASP B 40 -16.14 -8.13 -20.84
C ASP B 40 -16.23 -8.61 -22.28
N GLU B 41 -16.00 -7.69 -23.22
CA GLU B 41 -16.03 -8.10 -24.63
C GLU B 41 -14.85 -9.02 -25.00
N LEU B 42 -13.64 -8.68 -24.55
CA LEU B 42 -12.47 -9.53 -24.75
C LEU B 42 -12.70 -10.88 -24.07
N TYR B 43 -13.51 -10.86 -23.03
CA TYR B 43 -13.89 -12.05 -22.32
C TYR B 43 -14.74 -12.93 -23.23
N LYS B 44 -15.89 -12.40 -23.68
CA LYS B 44 -16.76 -13.13 -24.60
C LYS B 44 -16.02 -13.68 -25.82
N VAL B 45 -15.18 -12.83 -26.42
CA VAL B 45 -14.38 -13.27 -27.55
C VAL B 45 -13.47 -14.42 -27.14
N THR B 46 -12.85 -14.30 -25.98
CA THR B 46 -11.99 -15.34 -25.44
C THR B 46 -12.73 -16.68 -25.27
N LYS B 47 -13.96 -16.59 -24.76
CA LYS B 47 -14.84 -17.74 -24.65
C LYS B 47 -15.05 -18.37 -26.02
N GLU B 48 -15.65 -17.62 -26.95
CA GLU B 48 -15.89 -18.16 -28.28
C GLU B 48 -14.63 -18.77 -28.91
N HIS B 49 -13.47 -18.23 -28.59
CA HIS B 49 -12.23 -18.70 -29.21
C HIS B 49 -11.65 -19.95 -28.56
N THR B 50 -11.89 -20.13 -27.27
CA THR B 50 -11.31 -21.26 -26.55
C THR B 50 -12.35 -22.32 -26.17
N HIS B 51 -13.63 -21.92 -26.19
CA HIS B 51 -14.74 -22.79 -25.76
C HIS B 51 -14.44 -23.39 -24.40
N ASN B 52 -13.87 -22.57 -23.54
CA ASN B 52 -13.38 -23.02 -22.24
C ASN B 52 -13.67 -21.93 -21.22
N LYS B 53 -14.96 -21.76 -20.90
CA LYS B 53 -15.46 -20.73 -19.98
C LYS B 53 -14.49 -20.41 -18.85
N LYS B 54 -13.90 -21.44 -18.27
CA LYS B 54 -13.00 -21.30 -17.12
C LYS B 54 -11.57 -20.86 -17.49
N GLU B 55 -11.06 -21.28 -18.65
CA GLU B 55 -9.78 -20.76 -19.13
C GLU B 55 -9.96 -19.28 -19.46
N ALA B 56 -11.13 -18.95 -19.99
CA ALA B 56 -11.47 -17.56 -20.26
C ALA B 56 -11.48 -16.74 -18.96
N HIS B 57 -12.22 -17.23 -17.98
CA HIS B 57 -12.29 -16.59 -16.67
C HIS B 57 -10.89 -16.44 -16.03
N LYS B 58 -10.04 -17.45 -16.22
CA LYS B 58 -8.67 -17.41 -15.70
C LYS B 58 -7.90 -16.28 -16.36
N ILE B 59 -7.85 -16.32 -17.70
CA ILE B 59 -7.23 -15.29 -18.53
C ILE B 59 -7.62 -13.87 -18.09
N MET B 60 -8.92 -13.60 -18.08
CA MET B 60 -9.40 -12.27 -17.69
C MET B 60 -9.06 -11.89 -16.25
N LYS B 61 -9.20 -12.86 -15.34
CA LYS B 61 -8.85 -12.66 -13.93
C LYS B 61 -7.40 -12.19 -13.79
N ASP B 62 -6.51 -12.93 -14.44
CA ASP B 62 -5.09 -12.61 -14.51
C ASP B 62 -4.85 -11.22 -15.06
N LEU B 63 -5.50 -10.92 -16.20
CA LEU B 63 -5.32 -9.61 -16.84
C LEU B 63 -5.70 -8.49 -15.86
N ILE B 64 -6.87 -8.63 -15.24
CA ILE B 64 -7.33 -7.65 -14.26
C ILE B 64 -6.34 -7.52 -13.09
N LYS B 65 -5.80 -8.65 -12.61
CA LYS B 65 -4.82 -8.61 -11.53
C LYS B 65 -3.57 -7.82 -11.91
N VAL B 66 -2.99 -8.12 -13.07
CA VAL B 66 -1.80 -7.40 -13.51
C VAL B 66 -2.08 -5.91 -13.69
N ALA B 67 -3.23 -5.62 -14.29
CA ALA B 67 -3.65 -4.24 -14.50
C ALA B 67 -3.70 -3.51 -13.16
N ILE B 68 -4.38 -4.13 -12.20
CA ILE B 68 -4.57 -3.54 -10.87
C ILE B 68 -3.24 -3.35 -10.16
N LYS B 69 -2.35 -4.32 -10.33
CA LYS B 69 -1.01 -4.24 -9.77
C LYS B 69 -0.27 -3.01 -10.30
N ILE B 70 -0.30 -2.84 -11.62
CA ILE B 70 0.36 -1.70 -12.25
C ILE B 70 -0.25 -0.38 -11.77
N GLY B 71 -1.58 -0.34 -11.74
CA GLY B 71 -2.30 0.85 -11.30
C GLY B 71 -1.95 1.23 -9.87
N ILE B 72 -1.83 0.23 -9.02
CA ILE B 72 -1.51 0.48 -7.61
C ILE B 72 -0.07 0.97 -7.44
N LEU B 73 0.88 0.30 -8.10
CA LEU B 73 2.26 0.81 -8.16
C LEU B 73 2.31 2.27 -8.61
N TYR B 74 1.58 2.61 -9.67
CA TYR B 74 1.61 3.98 -10.23
C TYR B 74 0.94 5.01 -9.31
N ARG B 75 -0.14 4.60 -8.66
CA ARG B 75 -0.86 5.47 -7.73
C ARG B 75 -0.06 5.67 -6.43
N ASN B 76 0.59 4.61 -5.94
CA ASN B 76 1.42 4.70 -4.75
C ASN B 76 2.88 5.08 -4.97
N ASN B 77 3.15 5.72 -6.12
CA ASN B 77 4.50 6.11 -6.50
C ASN B 77 5.61 5.11 -6.19
N GLN B 78 5.36 3.84 -6.50
CA GLN B 78 6.35 2.79 -6.31
C GLN B 78 7.38 2.77 -7.44
N PHE B 79 7.07 3.46 -8.55
CA PHE B 79 7.92 3.49 -9.74
C PHE B 79 9.07 4.47 -9.62
N SER B 80 10.29 3.99 -9.87
CA SER B 80 11.48 4.82 -9.94
C SER B 80 11.45 5.69 -11.19
N GLN B 81 12.49 6.52 -11.37
CA GLN B 81 12.59 7.39 -12.55
C GLN B 81 12.68 6.60 -13.87
N GLU B 82 13.59 5.63 -13.88
CA GLU B 82 13.75 4.72 -15.01
C GLU B 82 12.40 4.08 -15.32
N GLU B 83 11.78 3.56 -14.27
CA GLU B 83 10.50 2.88 -14.40
C GLU B 83 9.41 3.80 -14.90
N LEU B 84 9.44 5.06 -14.51
CA LEU B 84 8.45 6.02 -15.03
C LEU B 84 8.68 6.29 -16.52
N VAL B 85 9.95 6.27 -16.93
CA VAL B 85 10.29 6.34 -18.35
C VAL B 85 9.65 5.14 -19.09
N ILE B 86 9.81 3.95 -18.51
CA ILE B 86 9.12 2.77 -19.05
C ILE B 86 7.58 2.88 -19.02
N VAL B 87 7.03 3.59 -18.04
CA VAL B 87 5.59 3.81 -17.98
C VAL B 87 5.16 4.66 -19.17
N GLU B 88 5.96 5.67 -19.51
N GLU B 88 5.96 5.67 -19.50
CA GLU B 88 5.60 6.52 -20.65
CA GLU B 88 5.63 6.51 -20.65
C GLU B 88 5.74 5.78 -21.98
C GLU B 88 5.73 5.74 -21.95
N LYS B 89 6.84 5.03 -22.14
CA LYS B 89 6.97 4.14 -23.27
C LYS B 89 5.74 3.25 -23.42
N PHE B 90 5.33 2.64 -22.31
CA PHE B 90 4.16 1.75 -22.33
C PHE B 90 2.90 2.49 -22.71
N ARG B 91 2.77 3.73 -22.26
CA ARG B 91 1.62 4.55 -22.62
C ARG B 91 1.56 4.74 -24.15
N LYS B 92 2.70 5.10 -24.71
CA LYS B 92 2.83 5.25 -26.16
C LYS B 92 2.50 3.97 -26.91
N LYS B 93 3.19 2.88 -26.55
CA LYS B 93 2.98 1.60 -27.23
C LYS B 93 1.51 1.20 -27.17
N LEU B 94 0.91 1.36 -26.00
CA LEU B 94 -0.48 0.99 -25.81
C LEU B 94 -1.39 1.85 -26.69
N ASN B 95 -1.07 3.14 -26.81
CA ASN B 95 -1.85 4.05 -27.67
C ASN B 95 -1.79 3.55 -29.11
N GLN B 96 -0.57 3.29 -29.58
CA GLN B 96 -0.34 2.74 -30.92
C GLN B 96 -1.15 1.48 -31.16
N THR B 97 -1.07 0.51 -30.25
CA THR B 97 -1.77 -0.74 -30.52
C THR B 97 -3.27 -0.54 -30.47
N ALA B 98 -3.75 0.32 -29.57
CA ALA B 98 -5.20 0.54 -29.51
C ALA B 98 -5.72 1.14 -30.83
N MET B 99 -5.03 2.17 -31.32
CA MET B 99 -5.44 2.79 -32.59
C MET B 99 -5.30 1.84 -33.76
N THR B 100 -4.29 0.97 -33.70
CA THR B 100 -4.11 -0.08 -34.70
C THR B 100 -5.28 -1.07 -34.70
N ILE B 101 -5.70 -1.50 -33.52
CA ILE B 101 -6.88 -2.35 -33.35
C ILE B 101 -8.14 -1.70 -33.98
N VAL B 102 -8.42 -0.46 -33.54
CA VAL B 102 -9.57 0.28 -34.03
C VAL B 102 -9.52 0.46 -35.57
N SER B 103 -8.36 0.81 -36.10
CA SER B 103 -8.16 0.99 -37.53
C SER B 103 -8.32 -0.29 -38.35
N PHE B 104 -7.80 -1.39 -37.81
CA PHE B 104 -7.98 -2.70 -38.43
C PHE B 104 -9.44 -3.06 -38.45
N TYR B 105 -10.20 -2.55 -37.49
CA TYR B 105 -11.65 -2.72 -37.55
C TYR B 105 -12.39 -1.81 -38.57
N GLU B 106 -12.19 -0.50 -38.45
CA GLU B 106 -12.97 0.49 -39.18
C GLU B 106 -12.66 0.52 -40.68
N VAL B 107 -11.43 0.15 -41.02
CA VAL B 107 -10.96 0.18 -42.39
C VAL B 107 -10.61 -1.21 -42.90
N GLU B 108 -11.49 -1.80 -43.71
CA GLU B 108 -11.27 -3.14 -44.22
C GLU B 108 -10.07 -3.20 -45.17
N TYR B 109 -9.48 -4.39 -45.28
CA TYR B 109 -8.31 -4.62 -46.10
C TYR B 109 -7.00 -4.30 -45.38
N THR B 110 -7.10 -3.64 -44.23
CA THR B 110 -5.91 -3.18 -43.52
C THR B 110 -5.44 -4.16 -42.45
N PHE B 111 -6.32 -5.07 -42.02
CA PHE B 111 -6.01 -6.00 -40.94
C PHE B 111 -4.84 -6.92 -41.23
N ASP B 112 -3.82 -6.84 -40.38
CA ASP B 112 -2.71 -7.77 -40.43
C ASP B 112 -2.52 -8.31 -39.01
N ARG B 113 -2.69 -9.61 -38.85
N ARG B 113 -2.69 -9.61 -38.85
CA ARG B 113 -2.62 -10.22 -37.53
CA ARG B 113 -2.62 -10.21 -37.53
C ARG B 113 -1.19 -10.20 -36.99
C ARG B 113 -1.19 -10.20 -36.99
N ASN B 114 -0.22 -10.20 -37.89
CA ASN B 114 1.18 -10.23 -37.50
C ASN B 114 1.65 -8.92 -36.90
N VAL B 115 1.19 -7.82 -37.51
CA VAL B 115 1.45 -6.48 -37.00
C VAL B 115 0.89 -6.29 -35.58
N LEU B 116 -0.38 -6.67 -35.40
CA LEU B 116 -1.06 -6.51 -34.12
C LEU B 116 -0.48 -7.44 -33.06
N SER B 117 -0.16 -8.66 -33.45
CA SER B 117 0.55 -9.61 -32.60
C SER B 117 1.86 -8.99 -32.11
N ASN B 118 2.68 -8.53 -33.05
CA ASN B 118 3.94 -7.86 -32.76
C ASN B 118 3.77 -6.72 -31.73
N LEU B 119 2.73 -5.92 -31.93
CA LEU B 119 2.45 -4.81 -31.03
C LEU B 119 2.12 -5.28 -29.62
N LEU B 120 1.24 -6.27 -29.54
CA LEU B 120 0.84 -6.80 -28.24
C LEU B 120 2.03 -7.41 -27.51
N HIS B 121 2.93 -8.02 -28.26
CA HIS B 121 4.17 -8.55 -27.70
C HIS B 121 5.00 -7.43 -27.13
N GLU B 122 5.07 -6.31 -27.87
CA GLU B 122 5.76 -5.13 -27.34
C GLU B 122 5.16 -4.60 -26.03
N CYS B 123 3.83 -4.59 -25.96
CA CYS B 123 3.12 -4.28 -24.72
C CYS B 123 3.53 -5.20 -23.57
N LYS B 124 3.53 -6.49 -23.87
CA LYS B 124 3.87 -7.49 -22.86
C LYS B 124 5.27 -7.25 -22.33
N ASP B 125 6.22 -7.06 -23.23
CA ASP B 125 7.61 -6.83 -22.81
C ASP B 125 7.73 -5.59 -21.95
N LEU B 126 7.01 -4.54 -22.34
CA LEU B 126 7.01 -3.33 -21.49
C LEU B 126 6.47 -3.62 -20.10
N VAL B 127 5.42 -4.45 -20.00
CA VAL B 127 4.84 -4.78 -18.70
C VAL B 127 5.84 -5.55 -17.83
N HIS B 128 6.52 -6.52 -18.46
CA HIS B 128 7.61 -7.23 -17.81
C HIS B 128 8.67 -6.28 -17.24
N GLU B 129 9.15 -5.37 -18.08
CA GLU B 129 10.15 -4.39 -17.60
C GLU B 129 9.60 -3.60 -16.43
N LEU B 130 8.30 -3.30 -16.52
CA LEU B 130 7.63 -2.46 -15.53
C LEU B 130 7.61 -3.11 -14.16
N VAL B 131 7.33 -4.41 -14.13
CA VAL B 131 7.22 -5.10 -12.84
C VAL B 131 8.45 -5.92 -12.39
N GLN B 132 9.54 -5.86 -13.15
N GLN B 132 9.53 -5.83 -13.16
CA GLN B 132 10.77 -6.56 -12.77
CA GLN B 132 10.78 -6.52 -12.80
C GLN B 132 11.19 -6.34 -11.31
C GLN B 132 11.24 -6.32 -11.34
N ARG B 133 11.22 -5.08 -10.88
CA ARG B 133 11.62 -4.75 -9.52
C ARG B 133 10.46 -4.82 -8.52
N HIS B 134 9.35 -5.41 -8.94
CA HIS B 134 8.17 -5.43 -8.09
C HIS B 134 7.40 -6.73 -8.21
N LEU B 135 8.07 -7.79 -8.68
CA LEU B 135 7.33 -9.00 -9.09
C LEU B 135 6.96 -9.97 -7.97
N THR B 136 5.66 -10.13 -7.72
CA THR B 136 5.16 -11.10 -6.74
C THR B 136 5.28 -12.50 -7.35
N PRO B 137 4.99 -13.56 -6.57
CA PRO B 137 4.99 -14.93 -7.10
C PRO B 137 4.28 -15.14 -8.45
N ARG B 138 2.97 -14.96 -8.46
CA ARG B 138 2.14 -15.36 -9.60
C ARG B 138 2.22 -14.47 -10.86
N THR B 139 2.81 -13.28 -10.75
CA THR B 139 2.71 -12.25 -11.78
C THR B 139 3.28 -12.62 -13.15
N HIS B 140 4.61 -12.81 -13.23
CA HIS B 140 5.29 -13.15 -14.48
C HIS B 140 4.47 -14.08 -15.39
N GLY B 141 4.01 -15.17 -14.78
CA GLY B 141 3.20 -16.15 -15.46
C GLY B 141 1.87 -15.60 -15.89
N ARG B 142 1.26 -14.72 -15.07
CA ARG B 142 0.00 -14.08 -15.45
C ARG B 142 0.20 -13.21 -16.70
N ILE B 143 1.31 -12.47 -16.72
CA ILE B 143 1.65 -11.61 -17.83
C ILE B 143 1.78 -12.40 -19.11
N ASN B 144 2.62 -13.44 -19.07
CA ASN B 144 2.72 -14.30 -20.24
C ASN B 144 1.40 -14.99 -20.65
N HIS B 145 0.65 -15.47 -19.68
CA HIS B 145 -0.63 -16.14 -19.94
C HIS B 145 -1.64 -15.23 -20.65
N VAL B 146 -1.70 -13.98 -20.21
CA VAL B 146 -2.60 -12.99 -20.80
C VAL B 146 -2.16 -12.55 -22.19
N PHE B 147 -0.92 -12.08 -22.28
CA PHE B 147 -0.48 -11.48 -23.52
C PHE B 147 -0.18 -12.50 -24.63
N ASN B 148 0.25 -13.70 -24.27
CA ASN B 148 0.39 -14.75 -25.28
C ASN B 148 -0.96 -15.15 -25.85
N HIS B 149 -1.98 -15.18 -25.00
CA HIS B 149 -3.33 -15.44 -25.46
C HIS B 149 -3.84 -14.33 -26.39
N PHE B 150 -3.63 -13.06 -26.02
CA PHE B 150 -4.14 -11.97 -26.87
C PHE B 150 -3.32 -11.66 -28.10
N ALA B 151 -2.05 -12.06 -28.12
CA ALA B 151 -1.19 -11.86 -29.28
C ALA B 151 -1.09 -13.11 -30.17
N ASP B 152 -1.82 -14.16 -29.79
CA ASP B 152 -1.92 -15.33 -30.66
C ASP B 152 -2.64 -14.90 -31.93
N VAL B 153 -1.96 -15.03 -33.08
CA VAL B 153 -2.55 -14.69 -34.39
C VAL B 153 -3.93 -15.31 -34.62
N GLU B 154 -4.16 -16.52 -34.11
CA GLU B 154 -5.45 -17.18 -34.28
C GLU B 154 -6.58 -16.56 -33.46
N PHE B 155 -6.26 -16.09 -32.27
CA PHE B 155 -7.25 -15.35 -31.49
C PHE B 155 -7.62 -14.06 -32.22
N LEU B 156 -6.63 -13.43 -32.84
CA LEU B 156 -6.85 -12.15 -33.50
C LEU B 156 -7.71 -12.40 -34.76
N SER B 157 -7.30 -13.38 -35.58
CA SER B 157 -8.06 -13.81 -36.75
C SER B 157 -9.49 -14.16 -36.38
N THR B 158 -9.68 -14.83 -35.25
CA THR B 158 -11.02 -15.12 -34.76
C THR B 158 -11.79 -13.83 -34.44
N LEU B 159 -11.12 -12.90 -33.75
CA LEU B 159 -11.76 -11.66 -33.30
C LEU B 159 -12.21 -10.79 -34.47
N TYR B 160 -11.42 -10.80 -35.53
CA TYR B 160 -11.64 -9.90 -36.68
C TYR B 160 -12.44 -10.52 -37.82
N SER B 161 -12.21 -11.80 -38.09
CA SER B 161 -12.87 -12.50 -39.18
C SER B 161 -14.33 -12.09 -39.33
N LEU B 162 -14.75 -11.86 -40.56
CA LEU B 162 -16.12 -11.47 -40.85
C LEU B 162 -17.04 -12.70 -40.83
N ASP B 163 -16.55 -13.81 -41.39
CA ASP B 163 -17.32 -15.04 -41.42
C ASP B 163 -17.39 -15.68 -40.05
N GLY B 164 -17.36 -14.85 -39.01
CA GLY B 164 -17.41 -15.34 -37.64
C GLY B 164 -18.63 -14.84 -36.89
N ASP B 165 -18.51 -14.75 -35.58
CA ASP B 165 -19.62 -14.29 -34.73
C ASP B 165 -19.14 -13.38 -33.62
N CYS B 166 -18.14 -12.56 -33.92
CA CYS B 166 -17.56 -11.66 -32.93
C CYS B 166 -17.69 -10.19 -33.35
N ARG B 167 -17.82 -10.02 -34.66
CA ARG B 167 -18.00 -8.72 -35.26
C ARG B 167 -18.67 -7.75 -34.30
N PRO B 168 -19.83 -8.11 -33.76
CA PRO B 168 -20.47 -7.14 -32.85
C PRO B 168 -19.55 -6.78 -31.68
N ASN B 169 -18.84 -7.77 -31.16
CA ASN B 169 -17.92 -7.55 -30.05
C ASN B 169 -16.78 -6.61 -30.41
N LEU B 170 -16.12 -6.90 -31.52
CA LEU B 170 -15.02 -6.08 -31.99
C LEU B 170 -15.47 -4.65 -32.14
N LYS B 171 -16.74 -4.49 -32.51
CA LYS B 171 -17.29 -3.16 -32.69
C LYS B 171 -17.39 -2.44 -31.35
N ARG B 172 -18.06 -3.05 -30.38
CA ARG B 172 -18.20 -2.42 -29.06
C ARG B 172 -16.82 -2.14 -28.44
N ILE B 173 -15.90 -3.07 -28.68
CA ILE B 173 -14.52 -2.90 -28.25
C ILE B 173 -13.94 -1.62 -28.83
N CYS B 174 -14.04 -1.46 -30.14
CA CYS B 174 -13.46 -0.28 -30.79
C CYS B 174 -14.14 1.02 -30.41
N GLU B 175 -15.43 0.92 -30.10
CA GLU B 175 -16.19 2.07 -29.64
C GLU B 175 -15.61 2.52 -28.32
N GLY B 176 -15.47 1.56 -27.40
CA GLY B 176 -14.87 1.80 -26.11
C GLY B 176 -13.49 2.41 -26.26
N ILE B 177 -12.65 1.77 -27.07
CA ILE B 177 -11.29 2.24 -27.27
C ILE B 177 -11.30 3.68 -27.76
N ASN B 178 -12.18 4.00 -28.69
CA ASN B 178 -12.30 5.37 -29.19
C ASN B 178 -12.73 6.35 -28.09
N LYS B 179 -13.68 5.94 -27.24
CA LYS B 179 -14.00 6.72 -26.05
C LYS B 179 -12.74 7.02 -25.20
N LEU B 180 -11.93 6.01 -24.96
CA LEU B 180 -10.76 6.18 -24.09
C LEU B 180 -9.68 7.05 -24.72
N LEU B 181 -9.56 6.95 -26.05
CA LEU B 181 -8.62 7.77 -26.79
C LEU B 181 -9.07 9.21 -26.70
N ASP B 182 -10.38 9.40 -26.80
CA ASP B 182 -11.00 10.72 -26.70
C ASP B 182 -10.72 11.37 -25.34
N GLU B 183 -11.00 10.62 -24.27
CA GLU B 183 -10.81 11.08 -22.91
C GLU B 183 -9.32 11.13 -22.56
N LYS B 184 -8.48 10.58 -23.44
CA LYS B 184 -7.04 10.46 -23.21
C LYS B 184 -6.68 9.56 -22.02
N VAL B 185 -7.52 8.56 -21.77
CA VAL B 185 -7.18 7.46 -20.86
C VAL B 185 -6.15 6.60 -21.57
N LEU B 186 -6.47 6.27 -22.83
CA LEU B 186 -5.52 5.61 -23.73
C LEU B 186 -4.77 6.65 -24.57
#